data_1JW6
#
_entry.id   1JW6
#
_cell.length_a   63.36
_cell.length_b   86.38
_cell.length_c   89.25
_cell.angle_alpha   90
_cell.angle_beta   90
_cell.angle_gamma   90
#
_symmetry.space_group_name_H-M   'I 2 2 2'
#
loop_
_entity.id
_entity.type
_entity.pdbx_description
1 polymer 'Concanavalin A'
2 polymer 'PROTEIN (6-MER)'
3 non-polymer 'MANGANESE (II) ION'
4 non-polymer 'CALCIUM ION'
5 non-polymer PENTANEDIAL
6 non-polymer 'ISOPROPYL ALCOHOL'
7 water water
#
loop_
_entity_poly.entity_id
_entity_poly.type
_entity_poly.pdbx_seq_one_letter_code
_entity_poly.pdbx_strand_id
1 'polypeptide(L)'
;ADTIVAVELDTYPNTDIGDPSYPHIGIDIKSVRSKKTAKWNMQNGKVGTAHIIYNSVDKRLSAVVSYPNADSATVSYDVD
LDNVLPEWVRVGLSASTGLYKETNTILSWSFTSKLKSNSTHETNALHFMFNQFSKDQKDLILQGDATTGTDGNLELTRVS
SNGSPQGSSVGRALFYAPVHIWESSAVVASFEATFTFLIKSPDSHPADGIAFFISNIDSSIPSGSTGRLLGLFPDAN
;
A
2 'polypeptide(L)' MYWYPY B
#
# COMPACT_ATOMS: atom_id res chain seq x y z
N ALA A 1 -8.34 -1.24 -17.93
CA ALA A 1 -8.98 -0.60 -16.74
C ALA A 1 -7.85 0.03 -15.92
N ASP A 2 -8.07 0.21 -14.62
CA ASP A 2 -7.04 0.79 -13.77
C ASP A 2 -5.84 -0.13 -13.75
N THR A 3 -4.65 0.43 -13.84
CA THR A 3 -3.44 -0.37 -13.79
C THR A 3 -2.98 -0.28 -12.35
N ILE A 4 -2.87 -1.43 -11.69
CA ILE A 4 -2.48 -1.45 -10.29
C ILE A 4 -1.21 -2.24 -10.01
N VAL A 5 -0.32 -1.65 -9.23
CA VAL A 5 0.89 -2.31 -8.81
C VAL A 5 0.86 -1.99 -7.33
N ALA A 6 0.86 -3.01 -6.49
CA ALA A 6 0.76 -2.79 -5.06
C ALA A 6 1.58 -3.75 -4.22
N VAL A 7 1.99 -3.28 -3.05
CA VAL A 7 2.70 -4.10 -2.09
C VAL A 7 1.64 -4.21 -1.00
N GLU A 8 1.12 -5.42 -0.80
CA GLU A 8 0.09 -5.64 0.20
C GLU A 8 0.60 -6.20 1.52
N LEU A 9 0.02 -5.68 2.59
CA LEU A 9 0.30 -6.16 3.93
C LEU A 9 -1.05 -6.84 4.23
N ASP A 10 -1.14 -8.10 3.81
CA ASP A 10 -2.35 -8.89 3.97
C ASP A 10 -2.44 -9.57 5.33
N THR A 11 -3.39 -9.12 6.14
CA THR A 11 -3.58 -9.67 7.48
C THR A 11 -4.51 -10.88 7.54
N TYR A 12 -5.32 -11.07 6.51
CA TYR A 12 -6.25 -12.20 6.50
C TYR A 12 -6.03 -13.16 5.34
N PRO A 13 -5.82 -14.44 5.66
CA PRO A 13 -5.58 -15.52 4.70
C PRO A 13 -6.83 -16.05 3.98
N ASN A 14 -7.00 -15.62 2.73
CA ASN A 14 -8.12 -16.06 1.90
C ASN A 14 -7.48 -17.09 0.98
N THR A 15 -7.25 -18.27 1.52
CA THR A 15 -6.62 -19.38 0.81
C THR A 15 -7.26 -19.74 -0.52
N ASP A 16 -8.55 -19.45 -0.68
CA ASP A 16 -9.24 -19.76 -1.91
C ASP A 16 -8.85 -18.86 -3.09
N ILE A 17 -8.22 -17.72 -2.81
CA ILE A 17 -7.79 -16.81 -3.88
C ILE A 17 -6.27 -16.75 -3.95
N GLY A 18 -5.60 -17.77 -3.41
CA GLY A 18 -4.15 -17.81 -3.46
C GLY A 18 -3.35 -17.37 -2.26
N ASP A 19 -3.99 -16.80 -1.25
CA ASP A 19 -3.27 -16.37 -0.06
C ASP A 19 -2.66 -17.53 0.70
N PRO A 20 -1.40 -17.39 1.16
CA PRO A 20 -0.84 -18.51 1.92
C PRO A 20 -1.66 -18.53 3.22
N SER A 21 -1.57 -19.60 3.99
CA SER A 21 -2.37 -19.68 5.21
C SER A 21 -1.76 -18.99 6.42
N TYR A 22 -1.52 -17.69 6.28
CA TYR A 22 -0.97 -16.86 7.34
C TYR A 22 -0.84 -15.42 6.85
N PRO A 23 -0.82 -14.45 7.78
CA PRO A 23 -0.70 -13.04 7.40
C PRO A 23 0.59 -12.96 6.58
N HIS A 24 0.63 -12.10 5.58
CA HIS A 24 1.81 -12.06 4.73
C HIS A 24 1.89 -10.76 3.95
N ILE A 25 3.07 -10.51 3.39
CA ILE A 25 3.29 -9.33 2.56
C ILE A 25 3.46 -9.87 1.14
N GLY A 26 2.91 -9.19 0.15
CA GLY A 26 3.03 -9.68 -1.21
C GLY A 26 3.13 -8.57 -2.23
N ILE A 27 3.54 -8.93 -3.44
CA ILE A 27 3.66 -7.97 -4.52
C ILE A 27 2.61 -8.34 -5.53
N ASP A 28 1.68 -7.42 -5.75
CA ASP A 28 0.57 -7.60 -6.68
C ASP A 28 0.81 -6.80 -7.94
N ILE A 29 0.74 -7.45 -9.09
CA ILE A 29 0.90 -6.76 -10.36
C ILE A 29 -0.40 -7.03 -11.11
N LYS A 30 -1.32 -6.06 -11.04
CA LYS A 30 -2.62 -6.11 -11.70
C LYS A 30 -3.57 -7.22 -11.23
N SER A 31 -3.20 -7.96 -10.20
CA SER A 31 -4.03 -9.03 -9.68
C SER A 31 -3.86 -9.17 -8.18
N VAL A 32 -4.95 -9.49 -7.47
CA VAL A 32 -4.92 -9.65 -6.02
C VAL A 32 -4.11 -10.91 -5.67
N ARG A 33 -3.92 -11.78 -6.65
CA ARG A 33 -3.15 -12.97 -6.43
C ARG A 33 -1.68 -12.57 -6.61
N SER A 34 -1.03 -12.29 -5.49
CA SER A 34 0.36 -11.88 -5.46
C SER A 34 1.27 -12.75 -6.30
N LYS A 35 2.21 -12.12 -7.00
CA LYS A 35 3.17 -12.84 -7.82
C LYS A 35 4.22 -13.43 -6.89
N LYS A 36 4.32 -12.88 -5.69
CA LYS A 36 5.32 -13.32 -4.72
C LYS A 36 4.86 -12.90 -3.33
N THR A 37 5.01 -13.80 -2.35
CA THR A 37 4.62 -13.53 -0.97
C THR A 37 5.70 -13.94 0.02
N ALA A 38 5.65 -13.38 1.22
CA ALA A 38 6.59 -13.71 2.30
C ALA A 38 5.75 -13.78 3.57
N LYS A 39 6.15 -14.67 4.48
CA LYS A 39 5.43 -14.81 5.74
C LYS A 39 5.65 -13.56 6.56
N TRP A 40 4.57 -13.07 7.15
CA TRP A 40 4.61 -11.86 7.95
C TRP A 40 4.10 -12.16 9.34
N ASN A 41 4.96 -11.95 10.34
CA ASN A 41 4.57 -12.16 11.73
C ASN A 41 3.95 -10.87 12.23
N MET A 42 2.72 -10.63 11.79
CA MET A 42 1.96 -9.43 12.13
C MET A 42 1.70 -9.32 13.63
N GLN A 43 1.81 -8.11 14.17
CA GLN A 43 1.59 -7.87 15.58
C GLN A 43 0.43 -6.93 15.86
N ASN A 44 -0.68 -7.52 16.26
CA ASN A 44 -1.90 -6.77 16.57
C ASN A 44 -1.58 -5.76 17.66
N GLY A 45 -1.88 -4.48 17.39
CA GLY A 45 -1.63 -3.43 18.35
C GLY A 45 -0.28 -2.73 18.33
N LYS A 46 0.66 -3.22 17.52
CA LYS A 46 1.98 -2.59 17.45
C LYS A 46 2.14 -1.71 16.20
N VAL A 47 2.95 -0.67 16.31
CA VAL A 47 3.20 0.23 15.19
C VAL A 47 4.34 -0.36 14.36
N GLY A 48 4.08 -0.60 13.08
CA GLY A 48 5.09 -1.16 12.21
C GLY A 48 5.56 -0.16 11.16
N THR A 49 6.59 -0.53 10.39
CA THR A 49 7.13 0.33 9.36
C THR A 49 7.42 -0.48 8.10
N ALA A 50 6.96 -0.01 6.96
CA ALA A 50 7.20 -0.70 5.68
C ALA A 50 8.02 0.21 4.78
N HIS A 51 9.00 -0.39 4.10
CA HIS A 51 9.86 0.34 3.16
C HIS A 51 9.69 -0.34 1.82
N ILE A 52 9.36 0.43 0.79
CA ILE A 52 9.21 -0.12 -0.55
C ILE A 52 10.26 0.55 -1.43
N ILE A 53 11.00 -0.23 -2.20
CA ILE A 53 12.06 0.29 -3.08
C ILE A 53 12.11 -0.36 -4.46
N TYR A 54 12.59 0.41 -5.44
CA TYR A 54 12.72 -0.05 -6.83
C TYR A 54 13.56 0.93 -7.61
N ASN A 55 14.27 0.42 -8.62
CA ASN A 55 15.05 1.26 -9.51
C ASN A 55 15.07 0.59 -10.87
N SER A 56 15.08 1.39 -11.92
CA SER A 56 15.04 0.95 -13.31
C SER A 56 16.24 0.17 -13.81
N VAL A 57 17.32 0.15 -13.02
CA VAL A 57 18.52 -0.57 -13.39
C VAL A 57 18.41 -2.04 -13.01
N ASP A 58 18.07 -2.32 -11.76
CA ASP A 58 17.93 -3.70 -11.28
C ASP A 58 16.57 -4.29 -11.62
N LYS A 59 15.58 -3.42 -11.81
CA LYS A 59 14.22 -3.83 -12.12
C LYS A 59 13.72 -4.85 -11.11
N ARG A 60 13.75 -4.48 -9.84
CA ARG A 60 13.30 -5.34 -8.77
C ARG A 60 12.56 -4.51 -7.71
N LEU A 61 11.28 -4.84 -7.53
CA LEU A 61 10.43 -4.18 -6.55
C LEU A 61 10.60 -4.98 -5.26
N SER A 62 11.08 -4.33 -4.21
CA SER A 62 11.28 -4.99 -2.92
C SER A 62 10.52 -4.26 -1.84
N ALA A 63 10.23 -4.97 -0.76
CA ALA A 63 9.51 -4.42 0.38
C ALA A 63 10.05 -5.06 1.65
N VAL A 64 10.20 -4.25 2.69
CA VAL A 64 10.69 -4.72 3.99
C VAL A 64 9.74 -4.19 5.06
N VAL A 65 9.15 -5.09 5.84
CA VAL A 65 8.22 -4.69 6.89
C VAL A 65 8.83 -5.13 8.22
N SER A 66 8.83 -4.24 9.20
CA SER A 66 9.39 -4.55 10.50
C SER A 66 8.64 -3.89 11.65
N TYR A 67 8.86 -4.46 12.84
CA TYR A 67 8.27 -3.97 14.08
C TYR A 67 9.46 -3.81 14.99
N PRO A 68 9.39 -2.86 15.92
CA PRO A 68 10.52 -2.66 16.83
C PRO A 68 10.82 -3.95 17.61
N ASN A 69 12.11 -4.25 17.78
CA ASN A 69 12.57 -5.44 18.52
C ASN A 69 12.25 -6.80 17.91
N ALA A 70 11.90 -6.82 16.63
CA ALA A 70 11.57 -8.07 15.95
C ALA A 70 12.33 -8.18 14.63
N ASP A 71 12.39 -9.38 14.08
CA ASP A 71 13.05 -9.59 12.80
C ASP A 71 12.08 -9.16 11.74
N SER A 72 12.60 -8.52 10.70
CA SER A 72 11.77 -8.03 9.61
C SER A 72 11.38 -9.12 8.61
N ALA A 73 10.46 -8.78 7.73
CA ALA A 73 10.00 -9.68 6.68
C ALA A 73 10.31 -8.96 5.38
N THR A 74 10.75 -9.69 4.37
CA THR A 74 11.09 -9.08 3.09
C THR A 74 10.57 -9.92 1.92
N VAL A 75 10.24 -9.24 0.82
CA VAL A 75 9.76 -9.92 -0.37
C VAL A 75 10.19 -9.07 -1.57
N SER A 76 10.68 -9.75 -2.61
CA SER A 76 11.16 -9.07 -3.81
C SER A 76 10.55 -9.70 -5.05
N TYR A 77 10.55 -8.93 -6.13
CA TYR A 77 10.01 -9.41 -7.39
C TYR A 77 10.67 -8.69 -8.54
N ASP A 78 11.27 -9.44 -9.45
CA ASP A 78 11.91 -8.84 -10.62
C ASP A 78 10.81 -8.51 -11.61
N VAL A 79 10.61 -7.22 -11.82
CA VAL A 79 9.59 -6.72 -12.73
C VAL A 79 10.00 -5.34 -13.25
N ASP A 80 9.81 -5.14 -14.55
CA ASP A 80 10.13 -3.88 -15.19
C ASP A 80 8.84 -3.07 -15.17
N LEU A 81 8.76 -2.12 -14.25
CA LEU A 81 7.57 -1.30 -14.12
C LEU A 81 7.21 -0.47 -15.36
N ASP A 82 8.20 -0.21 -16.22
CA ASP A 82 7.97 0.55 -17.45
C ASP A 82 7.01 -0.21 -18.35
N ASN A 83 7.02 -1.53 -18.23
CA ASN A 83 6.17 -2.39 -19.04
C ASN A 83 4.81 -2.67 -18.40
N VAL A 84 4.53 -2.05 -17.26
CA VAL A 84 3.27 -2.29 -16.56
C VAL A 84 2.47 -1.01 -16.31
N LEU A 85 3.16 0.05 -15.91
CA LEU A 85 2.52 1.31 -15.58
C LEU A 85 2.74 2.41 -16.60
N PRO A 86 1.80 3.36 -16.67
CA PRO A 86 1.95 4.48 -17.61
C PRO A 86 3.07 5.43 -17.16
N GLU A 87 3.42 6.37 -18.03
CA GLU A 87 4.47 7.34 -17.75
C GLU A 87 4.17 8.16 -16.50
N TRP A 88 2.91 8.56 -16.37
CA TRP A 88 2.45 9.34 -15.25
C TRP A 88 1.52 8.47 -14.40
N VAL A 89 1.72 8.51 -13.09
CA VAL A 89 0.93 7.69 -12.20
C VAL A 89 0.60 8.49 -10.94
N ARG A 90 -0.10 7.85 -10.03
CA ARG A 90 -0.41 8.43 -8.74
C ARG A 90 -0.09 7.33 -7.73
N VAL A 91 0.42 7.71 -6.58
CA VAL A 91 0.78 6.75 -5.55
C VAL A 91 -0.17 6.98 -4.38
N GLY A 92 -0.45 5.92 -3.63
CA GLY A 92 -1.34 6.06 -2.51
C GLY A 92 -1.32 4.87 -1.58
N LEU A 93 -2.23 4.86 -0.63
CA LEU A 93 -2.38 3.78 0.33
C LEU A 93 -3.85 3.40 0.29
N SER A 94 -4.12 2.11 0.47
CA SER A 94 -5.49 1.62 0.45
C SER A 94 -5.66 0.61 1.58
N ALA A 95 -6.89 0.45 2.04
CA ALA A 95 -7.19 -0.50 3.12
C ALA A 95 -8.66 -0.85 3.12
N SER A 96 -8.98 -2.00 3.69
CA SER A 96 -10.36 -2.46 3.76
C SER A 96 -10.56 -3.45 4.90
N THR A 97 -11.83 -3.72 5.18
CA THR A 97 -12.25 -4.67 6.20
C THR A 97 -13.48 -5.31 5.56
N GLY A 98 -13.84 -6.52 5.97
CA GLY A 98 -15.00 -7.16 5.40
C GLY A 98 -15.89 -7.66 6.52
N LEU A 99 -15.98 -8.98 6.64
CA LEU A 99 -16.74 -9.60 7.71
C LEU A 99 -15.89 -9.47 8.97
N TYR A 100 -14.58 -9.44 8.79
CA TYR A 100 -13.65 -9.28 9.90
C TYR A 100 -13.14 -7.85 9.78
N LYS A 101 -12.51 -7.34 10.83
CA LYS A 101 -12.04 -5.96 10.81
C LYS A 101 -10.81 -5.67 11.63
N GLU A 102 -10.29 -4.47 11.42
CA GLU A 102 -9.10 -3.96 12.10
C GLU A 102 -9.05 -2.47 11.77
N THR A 103 -8.22 -1.74 12.50
CA THR A 103 -8.04 -0.32 12.20
C THR A 103 -6.92 -0.35 11.17
N ASN A 104 -6.91 0.63 10.26
CA ASN A 104 -5.88 0.71 9.23
C ASN A 104 -5.39 2.15 9.32
N THR A 105 -4.68 2.42 10.40
CA THR A 105 -4.16 3.74 10.73
C THR A 105 -2.74 4.00 10.24
N ILE A 106 -2.57 5.13 9.57
CA ILE A 106 -1.27 5.53 9.05
C ILE A 106 -0.80 6.74 9.86
N LEU A 107 0.36 6.62 10.47
CA LEU A 107 0.93 7.68 11.29
C LEU A 107 1.82 8.63 10.49
N SER A 108 2.50 8.08 9.50
CA SER A 108 3.40 8.87 8.65
C SER A 108 3.57 8.18 7.32
N TRP A 109 3.90 8.96 6.29
CA TRP A 109 4.06 8.43 4.95
C TRP A 109 5.01 9.33 4.20
N SER A 110 6.02 8.73 3.56
CA SER A 110 6.98 9.49 2.78
C SER A 110 7.20 8.78 1.44
N PHE A 111 7.48 9.57 0.41
CA PHE A 111 7.70 9.02 -0.92
C PHE A 111 8.70 9.90 -1.65
N THR A 112 9.62 9.25 -2.35
CA THR A 112 10.64 9.94 -3.11
C THR A 112 10.79 9.27 -4.46
N SER A 113 10.80 10.07 -5.51
CA SER A 113 10.94 9.58 -6.87
C SER A 113 12.00 10.44 -7.54
N LYS A 114 12.95 9.82 -8.21
CA LYS A 114 14.01 10.55 -8.90
C LYS A 114 14.21 9.99 -10.29
N LEU A 115 14.47 10.88 -11.24
CA LEU A 115 14.72 10.50 -12.63
C LEU A 115 16.01 11.22 -12.99
N LYS A 116 17.04 10.48 -13.32
CA LYS A 116 18.32 11.09 -13.69
C LYS A 116 18.48 10.96 -15.20
N SER A 117 18.68 12.08 -15.88
CA SER A 117 18.84 12.07 -17.33
C SER A 117 20.31 11.92 -17.71
N ASN A 118 20.58 11.86 -19.01
CA ASN A 118 21.96 11.74 -19.50
C ASN A 118 22.68 13.07 -19.55
N SER A 119 22.19 14.05 -18.80
CA SER A 119 22.81 15.36 -18.77
C SER A 119 23.62 15.55 -17.48
N THR A 120 24.50 16.53 -17.49
CA THR A 120 25.34 16.83 -16.32
C THR A 120 24.51 17.62 -15.30
N HIS A 121 24.33 17.04 -14.12
CA HIS A 121 23.56 17.69 -13.03
C HIS A 121 22.05 17.76 -13.24
N GLU A 122 21.53 16.94 -14.16
CA GLU A 122 20.10 16.93 -14.43
C GLU A 122 19.39 15.77 -13.74
N THR A 123 18.54 16.13 -12.79
CA THR A 123 17.77 15.19 -11.99
C THR A 123 16.41 15.79 -11.72
N ASN A 124 15.35 15.05 -12.05
CA ASN A 124 14.00 15.52 -11.77
C ASN A 124 13.58 14.71 -10.55
N ALA A 125 13.01 15.39 -9.56
CA ALA A 125 12.61 14.70 -8.34
C ALA A 125 11.37 15.25 -7.66
N LEU A 126 10.74 14.39 -6.87
CA LEU A 126 9.55 14.72 -6.09
C LEU A 126 9.68 13.97 -4.77
N HIS A 127 9.40 14.65 -3.67
CA HIS A 127 9.47 14.05 -2.37
C HIS A 127 8.46 14.70 -1.46
N PHE A 128 7.66 13.88 -0.79
CA PHE A 128 6.71 14.40 0.17
C PHE A 128 6.83 13.58 1.44
N MET A 129 6.55 14.21 2.58
CA MET A 129 6.64 13.55 3.86
C MET A 129 5.57 14.08 4.80
N PHE A 130 4.74 13.17 5.29
CA PHE A 130 3.66 13.49 6.21
C PHE A 130 3.97 12.81 7.52
N ASN A 131 4.19 13.61 8.56
CA ASN A 131 4.44 13.06 9.87
C ASN A 131 3.22 13.30 10.75
N GLN A 132 2.32 14.14 10.26
CA GLN A 132 1.07 14.48 10.93
C GLN A 132 0.07 14.88 9.86
N PHE A 133 -1.16 14.43 9.99
CA PHE A 133 -2.20 14.76 9.02
C PHE A 133 -3.21 15.74 9.61
N SER A 134 -3.79 16.59 8.77
CA SER A 134 -4.76 17.59 9.21
C SER A 134 -6.15 17.21 8.74
N LYS A 135 -7.17 17.81 9.35
CA LYS A 135 -8.56 17.54 8.97
C LYS A 135 -8.81 17.99 7.54
N ASP A 136 -8.06 18.99 7.11
CA ASP A 136 -8.17 19.52 5.75
C ASP A 136 -6.78 19.39 5.11
N GLN A 137 -6.51 18.21 4.58
CA GLN A 137 -5.24 17.91 3.93
C GLN A 137 -5.46 18.09 2.43
N LYS A 138 -5.33 19.32 1.94
CA LYS A 138 -5.54 19.65 0.54
C LYS A 138 -4.65 18.93 -0.49
N ASP A 139 -3.48 18.46 -0.06
CA ASP A 139 -2.57 17.77 -0.97
C ASP A 139 -2.78 16.26 -1.05
N LEU A 140 -3.92 15.80 -0.55
CA LEU A 140 -4.29 14.38 -0.56
C LEU A 140 -5.67 14.25 -1.14
N ILE A 141 -5.90 13.18 -1.89
CA ILE A 141 -7.19 12.88 -2.47
C ILE A 141 -7.71 11.71 -1.64
N LEU A 142 -8.75 11.97 -0.85
CA LEU A 142 -9.32 10.91 -0.01
C LEU A 142 -10.46 10.24 -0.76
N GLN A 143 -10.47 8.91 -0.71
CA GLN A 143 -11.50 8.13 -1.37
C GLN A 143 -12.10 7.15 -0.38
N GLY A 144 -13.38 6.86 -0.58
CA GLY A 144 -14.08 5.94 0.30
C GLY A 144 -14.28 6.46 1.70
N ASP A 145 -13.91 5.64 2.68
CA ASP A 145 -14.08 5.98 4.09
C ASP A 145 -12.84 6.60 4.76
N ALA A 146 -11.80 6.85 3.97
CA ALA A 146 -10.57 7.44 4.52
C ALA A 146 -10.81 8.87 5.03
N THR A 147 -10.24 9.20 6.19
CA THR A 147 -10.36 10.53 6.79
C THR A 147 -9.06 10.89 7.48
N THR A 148 -8.82 12.19 7.64
CA THR A 148 -7.60 12.67 8.28
C THR A 148 -7.89 13.62 9.44
N GLY A 149 -6.90 13.79 10.31
CA GLY A 149 -7.05 14.70 11.44
C GLY A 149 -7.32 14.06 12.79
N THR A 150 -7.81 12.82 12.79
CA THR A 150 -8.10 12.10 14.02
C THR A 150 -6.78 11.85 14.74
N ASP A 151 -6.41 12.79 15.63
CA ASP A 151 -5.16 12.70 16.38
C ASP A 151 -3.96 12.81 15.44
N GLY A 152 -4.13 13.62 14.39
CA GLY A 152 -3.08 13.81 13.40
C GLY A 152 -2.77 12.58 12.58
N ASN A 153 -3.70 11.65 12.48
CA ASN A 153 -3.48 10.42 11.72
C ASN A 153 -4.43 10.27 10.55
N LEU A 154 -4.11 9.31 9.70
CA LEU A 154 -4.91 9.00 8.53
C LEU A 154 -5.61 7.66 8.78
N GLU A 155 -6.94 7.69 8.86
CA GLU A 155 -7.72 6.46 9.08
C GLU A 155 -8.26 6.02 7.73
N LEU A 156 -7.65 5.00 7.15
CA LEU A 156 -8.07 4.47 5.85
C LEU A 156 -9.45 3.82 5.87
N THR A 157 -9.79 3.21 6.99
CA THR A 157 -11.10 2.57 7.15
C THR A 157 -11.84 3.14 8.37
N ARG A 158 -13.16 3.09 8.33
CA ARG A 158 -14.04 3.60 9.38
C ARG A 158 -13.72 3.10 10.76
N VAL A 159 -13.65 4.04 11.70
CA VAL A 159 -13.42 3.72 13.09
C VAL A 159 -14.47 4.54 13.84
N SER A 160 -15.23 3.90 14.73
CA SER A 160 -16.25 4.58 15.50
C SER A 160 -15.58 5.42 16.58
N SER A 161 -16.37 6.31 17.18
CA SER A 161 -15.88 7.21 18.23
C SER A 161 -15.14 6.50 19.36
N ASN A 162 -15.66 5.36 19.80
CA ASN A 162 -15.03 4.60 20.87
C ASN A 162 -13.79 3.84 20.44
N GLY A 163 -13.27 4.19 19.26
CA GLY A 163 -12.08 3.54 18.75
C GLY A 163 -12.26 2.12 18.23
N SER A 164 -13.44 1.83 17.70
CA SER A 164 -13.71 0.50 17.19
C SER A 164 -13.76 0.45 15.67
N PRO A 165 -12.95 -0.43 15.06
CA PRO A 165 -12.90 -0.58 13.60
C PRO A 165 -14.18 -1.19 13.04
N GLN A 166 -14.74 -0.54 12.03
CA GLN A 166 -15.97 -0.99 11.40
C GLN A 166 -15.66 -1.96 10.27
N GLY A 167 -16.59 -2.87 10.02
CA GLY A 167 -16.42 -3.84 8.96
C GLY A 167 -16.93 -3.31 7.64
N SER A 168 -16.74 -4.09 6.57
CA SER A 168 -17.18 -3.71 5.23
C SER A 168 -16.79 -2.28 4.89
N SER A 169 -15.56 -1.91 5.23
CA SER A 169 -15.07 -0.56 4.99
C SER A 169 -13.91 -0.55 3.98
N VAL A 170 -13.84 0.50 3.17
CA VAL A 170 -12.77 0.63 2.20
C VAL A 170 -12.45 2.11 2.02
N GLY A 171 -11.16 2.43 1.99
CA GLY A 171 -10.76 3.81 1.84
C GLY A 171 -9.37 3.90 1.25
N ARG A 172 -9.12 4.97 0.51
CA ARG A 172 -7.81 5.17 -0.10
C ARG A 172 -7.42 6.63 -0.01
N ALA A 173 -6.11 6.86 -0.03
CA ALA A 173 -5.53 8.21 0.03
C ALA A 173 -4.46 8.27 -1.06
N LEU A 174 -4.60 9.23 -1.96
CA LEU A 174 -3.63 9.39 -3.04
C LEU A 174 -3.00 10.76 -2.92
N PHE A 175 -1.70 10.85 -3.24
CA PHE A 175 -1.06 12.14 -3.21
C PHE A 175 -1.64 12.95 -4.38
N TYR A 176 -1.94 14.21 -4.10
CA TYR A 176 -2.55 15.08 -5.08
C TYR A 176 -1.88 15.20 -6.46
N ALA A 177 -0.56 15.37 -6.47
CA ALA A 177 0.17 15.55 -7.71
C ALA A 177 0.58 14.25 -8.41
N PRO A 178 0.40 14.18 -9.74
CA PRO A 178 0.78 12.97 -10.49
C PRO A 178 2.28 12.81 -10.33
N VAL A 179 2.77 11.61 -10.55
CA VAL A 179 4.19 11.34 -10.39
C VAL A 179 4.73 10.83 -11.72
N HIS A 180 5.83 11.42 -12.17
CA HIS A 180 6.45 11.03 -13.44
C HIS A 180 7.43 9.92 -13.15
N ILE A 181 7.15 8.70 -13.61
CA ILE A 181 8.06 7.60 -13.35
C ILE A 181 8.95 7.21 -14.51
N TRP A 182 8.64 7.72 -15.70
CA TRP A 182 9.45 7.41 -16.87
C TRP A 182 9.62 8.64 -17.75
N GLU A 183 10.82 8.80 -18.30
CA GLU A 183 11.16 9.92 -19.15
C GLU A 183 12.07 9.31 -20.21
N SER A 184 11.98 9.75 -21.46
CA SER A 184 12.80 9.18 -22.52
C SER A 184 14.30 9.33 -22.34
N SER A 185 14.71 10.43 -21.72
CA SER A 185 16.14 10.70 -21.51
C SER A 185 16.72 10.18 -20.19
N ALA A 186 15.90 9.52 -19.38
CA ALA A 186 16.36 9.02 -18.08
C ALA A 186 17.25 7.81 -18.22
N VAL A 187 18.34 7.80 -17.46
CA VAL A 187 19.27 6.68 -17.46
C VAL A 187 19.08 5.84 -16.20
N VAL A 188 18.56 6.48 -15.16
CA VAL A 188 18.28 5.82 -13.88
C VAL A 188 16.98 6.43 -13.36
N ALA A 189 16.05 5.57 -12.99
CA ALA A 189 14.77 6.04 -12.44
C ALA A 189 14.57 5.22 -11.17
N SER A 190 14.10 5.84 -10.11
CA SER A 190 13.92 5.09 -8.87
C SER A 190 12.96 5.77 -7.93
N PHE A 191 12.36 4.97 -7.06
CA PHE A 191 11.46 5.49 -6.05
C PHE A 191 11.62 4.69 -4.77
N GLU A 192 11.32 5.34 -3.66
CA GLU A 192 11.42 4.73 -2.36
C GLU A 192 10.19 5.24 -1.64
N ALA A 193 9.54 4.36 -0.87
CA ALA A 193 8.35 4.74 -0.11
C ALA A 193 8.52 4.18 1.28
N THR A 194 7.91 4.83 2.25
CA THR A 194 8.01 4.39 3.63
C THR A 194 6.76 4.88 4.35
N PHE A 195 6.22 4.06 5.24
CA PHE A 195 5.06 4.44 6.02
C PHE A 195 4.98 3.64 7.30
N THR A 196 4.48 4.28 8.36
CA THR A 196 4.31 3.58 9.62
C THR A 196 2.81 3.42 9.81
N PHE A 197 2.41 2.24 10.24
CA PHE A 197 1.00 1.93 10.39
C PHE A 197 0.71 1.30 11.73
N LEU A 198 -0.55 1.34 12.10
CA LEU A 198 -1.00 0.75 13.35
C LEU A 198 -2.25 -0.05 13.05
N ILE A 199 -2.09 -1.36 12.94
CA ILE A 199 -3.21 -2.26 12.68
C ILE A 199 -3.63 -2.79 14.05
N LYS A 200 -4.90 -2.59 14.39
CA LYS A 200 -5.38 -3.01 15.68
C LYS A 200 -6.77 -3.59 15.50
N SER A 201 -7.02 -4.73 16.15
CA SER A 201 -8.32 -5.35 16.07
C SER A 201 -8.65 -6.03 17.39
N PRO A 202 -9.92 -5.98 17.80
CA PRO A 202 -10.39 -6.59 19.04
C PRO A 202 -10.59 -8.10 18.87
N ASP A 203 -10.41 -8.57 17.63
CA ASP A 203 -10.57 -9.99 17.31
C ASP A 203 -9.24 -10.69 17.13
N SER A 204 -9.30 -12.01 17.14
CA SER A 204 -8.12 -12.83 16.97
C SER A 204 -7.78 -12.97 15.48
N HIS A 205 -8.75 -12.62 14.62
CA HIS A 205 -8.56 -12.70 13.17
C HIS A 205 -8.88 -11.36 12.50
N PRO A 206 -7.88 -10.46 12.44
CA PRO A 206 -8.12 -9.15 11.82
C PRO A 206 -8.11 -9.28 10.29
N ALA A 207 -8.76 -8.35 9.61
CA ALA A 207 -8.82 -8.35 8.15
C ALA A 207 -9.13 -6.90 7.74
N ASP A 208 -8.78 -6.51 6.51
CA ASP A 208 -8.14 -7.39 5.54
C ASP A 208 -6.72 -7.01 5.19
N GLY A 209 -6.35 -5.76 5.42
CA GLY A 209 -4.99 -5.36 5.12
C GLY A 209 -4.83 -3.95 4.64
N ILE A 210 -3.57 -3.58 4.42
CA ILE A 210 -3.16 -2.26 3.95
C ILE A 210 -2.28 -2.49 2.73
N ALA A 211 -2.38 -1.63 1.73
CA ALA A 211 -1.55 -1.79 0.55
C ALA A 211 -1.07 -0.43 0.04
N PHE A 212 0.20 -0.37 -0.34
CA PHE A 212 0.76 0.84 -0.92
C PHE A 212 0.57 0.54 -2.39
N PHE A 213 0.01 1.47 -3.16
CA PHE A 213 -0.20 1.19 -4.57
C PHE A 213 0.22 2.33 -5.49
N ILE A 214 0.37 1.98 -6.77
CA ILE A 214 0.72 2.91 -7.82
C ILE A 214 -0.30 2.58 -8.90
N SER A 215 -0.99 3.59 -9.40
CA SER A 215 -2.00 3.39 -10.41
C SER A 215 -2.04 4.53 -11.41
N ASN A 216 -2.93 4.41 -12.40
CA ASN A 216 -3.12 5.45 -13.40
C ASN A 216 -3.67 6.61 -12.58
N ILE A 217 -3.33 7.84 -12.97
CA ILE A 217 -3.75 9.02 -12.23
C ILE A 217 -5.23 9.12 -11.89
N ASP A 218 -6.08 8.55 -12.75
CA ASP A 218 -7.52 8.62 -12.55
C ASP A 218 -8.16 7.42 -11.82
N SER A 219 -7.38 6.68 -11.05
CA SER A 219 -7.89 5.52 -10.33
C SER A 219 -8.93 5.84 -9.25
N SER A 220 -9.95 5.00 -9.16
CA SER A 220 -11.03 5.14 -8.18
C SER A 220 -11.25 3.75 -7.57
N ILE A 221 -11.84 3.71 -6.38
CA ILE A 221 -12.10 2.43 -5.71
C ILE A 221 -13.08 1.60 -6.54
N PRO A 222 -12.68 0.39 -6.94
CA PRO A 222 -13.56 -0.48 -7.74
C PRO A 222 -14.78 -0.84 -6.92
N SER A 223 -15.95 -0.94 -7.56
CA SER A 223 -17.17 -1.29 -6.84
C SER A 223 -17.05 -2.69 -6.26
N GLY A 224 -17.46 -2.84 -5.00
CA GLY A 224 -17.40 -4.13 -4.35
C GLY A 224 -16.02 -4.64 -3.98
N SER A 225 -15.04 -3.74 -3.90
CA SER A 225 -13.68 -4.12 -3.56
C SER A 225 -13.40 -4.08 -2.05
N THR A 226 -14.44 -4.27 -1.25
CA THR A 226 -14.27 -4.30 0.19
C THR A 226 -13.64 -5.65 0.54
N GLY A 227 -13.31 -5.83 1.81
CA GLY A 227 -12.74 -7.09 2.26
C GLY A 227 -11.43 -7.53 1.66
N ARG A 228 -11.43 -8.74 1.11
CA ARG A 228 -10.24 -9.35 0.54
C ARG A 228 -9.64 -8.65 -0.68
N LEU A 229 -10.43 -7.80 -1.33
CA LEU A 229 -9.96 -7.09 -2.52
C LEU A 229 -9.19 -5.82 -2.25
N LEU A 230 -9.02 -5.49 -0.97
CA LEU A 230 -8.25 -4.34 -0.48
C LEU A 230 -8.50 -2.95 -1.10
N GLY A 231 -9.64 -2.78 -1.74
CA GLY A 231 -9.98 -1.50 -2.36
C GLY A 231 -9.17 -1.22 -3.63
N LEU A 232 -8.52 -2.25 -4.14
CA LEU A 232 -7.69 -2.13 -5.32
C LEU A 232 -8.22 -2.86 -6.54
N PHE A 233 -8.70 -4.08 -6.32
CA PHE A 233 -9.19 -4.91 -7.42
C PHE A 233 -10.70 -5.10 -7.45
N PRO A 234 -11.29 -5.15 -8.66
CA PRO A 234 -12.73 -5.33 -8.87
C PRO A 234 -13.15 -6.78 -8.66
N ASP A 235 -12.23 -7.71 -8.91
CA ASP A 235 -12.49 -9.13 -8.73
C ASP A 235 -11.22 -9.85 -8.29
N ALA A 236 -11.34 -11.14 -8.02
CA ALA A 236 -10.22 -11.95 -7.55
C ALA A 236 -9.45 -12.69 -8.64
N ASN A 237 -9.56 -12.25 -9.89
CA ASN A 237 -8.86 -12.91 -10.98
C ASN A 237 -7.41 -12.46 -11.10
N MET B 1 -2.43 -23.47 -2.50
CA MET B 1 -1.65 -24.09 -1.39
C MET B 1 -1.99 -23.42 -0.08
N TYR B 2 -1.61 -24.07 1.02
CA TYR B 2 -1.88 -23.56 2.36
C TYR B 2 -3.35 -23.65 2.72
N TRP B 3 -3.65 -23.70 4.02
CA TRP B 3 -5.02 -23.77 4.52
C TRP B 3 -5.19 -23.62 6.05
N TYR B 4 -4.08 -23.43 6.77
CA TYR B 4 -4.12 -23.23 8.23
C TYR B 4 -3.90 -21.71 8.49
N PRO B 5 -4.97 -20.92 8.40
CA PRO B 5 -5.09 -19.46 8.57
C PRO B 5 -3.95 -18.60 9.12
N TYR B 6 -3.68 -18.67 10.43
CA TYR B 6 -2.63 -17.87 11.04
C TYR B 6 -1.52 -18.71 11.65
#